data_2R44
#
_entry.id   2R44
#
_cell.length_a   120.780
_cell.length_b   120.780
_cell.length_c   51.170
_cell.angle_alpha   90.000
_cell.angle_beta   90.000
_cell.angle_gamma   120.000
#
_symmetry.space_group_name_H-M   'P 65'
#
loop_
_entity.id
_entity.type
_entity.pdbx_description
1 polymer 'Uncharacterized protein'
2 non-polymer 'PHOSPHATE ION'
3 non-polymer 'TETRAETHYLENE GLYCOL'
4 water water
#
_entity_poly.entity_id   1
_entity_poly.type   'polypeptide(L)'
_entity_poly.pdbx_seq_one_letter_code
;G(MSE)ELKSAEEKSLYYRNKIKEVIDEVGKVVVGQKY(MSE)INRLLIGICTGGHILLEGVPGLAKTLSVNTLAKT
(MSE)DLDFHRIQFTPDLLPSDLIGT(MSE)IYNQHKGNFEVKKGPVFSNFILADEVNRSPAKVQSALLEC(MSE)QEKQ
VTIGDTTYPLDNPFLVLATQNPVEQEGTYPLPEAQVDRF(MSE)(MSE)KIHLTYLDKESELEV(MSE)RRVSN(MSE)N
FNYQVQKIVSKNDVLEIRNEINKVTISESLEKYIIELVFATRFPAEYGLEAEASYILYGASTRAAINLNRVAKA(MSE)A
FFNNRDYVLPEDIKEVAYDILNHRIILNYEAEAEGISTRQIIETILRKVNITKA
;
_entity_poly.pdbx_strand_id   A
#
# COMPACT_ATOMS: atom_id res chain seq x y z
N GLY A 1 -29.56 4.71 27.80
CA GLY A 1 -28.63 5.21 26.75
C GLY A 1 -28.71 4.44 25.45
N GLU A 3 -25.50 4.27 23.36
CA GLU A 3 -24.13 4.30 22.85
C GLU A 3 -23.62 3.00 22.19
N LEU A 4 -24.06 1.83 22.68
CA LEU A 4 -23.66 0.57 22.07
C LEU A 4 -24.41 0.35 20.74
N LYS A 5 -25.71 0.66 20.69
CA LYS A 5 -26.52 0.57 19.47
C LYS A 5 -25.97 1.51 18.39
N SER A 6 -25.64 2.74 18.79
CA SER A 6 -25.04 3.71 17.85
C SER A 6 -23.71 3.24 17.31
N ALA A 7 -22.90 2.57 18.13
CA ALA A 7 -21.62 2.04 17.67
C ALA A 7 -21.85 0.92 16.65
N GLU A 8 -22.81 0.02 16.92
CA GLU A 8 -23.20 -1.04 15.99
C GLU A 8 -23.66 -0.45 14.64
N GLU A 9 -24.53 0.55 14.70
CA GLU A 9 -25.06 1.19 13.51
C GLU A 9 -24.00 1.92 12.71
N LYS A 10 -23.03 2.52 13.38
CA LYS A 10 -21.94 3.23 12.73
C LYS A 10 -21.05 2.24 11.97
N SER A 11 -20.78 1.09 12.57
CA SER A 11 -19.99 0.02 11.96
C SER A 11 -20.67 -0.54 10.69
N LEU A 12 -21.96 -0.87 10.74
CA LEU A 12 -22.72 -1.35 9.56
C LEU A 12 -22.80 -0.27 8.49
N TYR A 13 -22.95 0.98 8.92
CA TYR A 13 -23.00 2.10 8.00
C TYR A 13 -21.73 2.16 7.19
N TYR A 14 -20.58 2.15 7.86
CA TYR A 14 -19.27 2.21 7.19
C TYR A 14 -18.87 0.94 6.41
N ARG A 15 -19.37 -0.22 6.82
CA ARG A 15 -19.20 -1.45 6.05
C ARG A 15 -19.97 -1.35 4.73
N ASN A 16 -21.19 -0.81 4.76
CA ASN A 16 -21.99 -0.60 3.54
CA ASN A 16 -21.97 -0.61 3.56
C ASN A 16 -21.36 0.46 2.64
N LYS A 17 -20.79 1.52 3.23
CA LYS A 17 -20.14 2.57 2.41
C LYS A 17 -18.99 2.05 1.57
N ILE A 18 -18.23 1.10 2.11
CA ILE A 18 -17.13 0.48 1.37
C ILE A 18 -17.65 -0.27 0.13
N LYS A 19 -18.80 -0.95 0.25
CA LYS A 19 -19.45 -1.58 -0.89
C LYS A 19 -19.89 -0.51 -1.92
N GLU A 20 -20.45 0.60 -1.44
CA GLU A 20 -20.86 1.69 -2.34
C GLU A 20 -19.66 2.34 -3.03
N VAL A 21 -18.53 2.46 -2.32
CA VAL A 21 -17.31 3.01 -2.95
C VAL A 21 -16.83 2.09 -4.08
N ILE A 22 -16.81 0.79 -3.85
CA ILE A 22 -16.35 -0.16 -4.89
C ILE A 22 -17.26 -0.11 -6.13
N ASP A 23 -18.56 -0.02 -5.90
CA ASP A 23 -19.55 0.07 -6.96
C ASP A 23 -19.35 1.33 -7.80
N GLU A 24 -19.15 2.47 -7.13
CA GLU A 24 -18.92 3.75 -7.83
C GLU A 24 -17.62 3.75 -8.66
N VAL A 25 -16.56 3.16 -8.12
CA VAL A 25 -15.30 3.04 -8.82
C VAL A 25 -15.47 2.21 -10.11
N GLY A 26 -16.33 1.19 -10.05
CA GLY A 26 -16.63 0.31 -11.19
C GLY A 26 -17.30 0.93 -12.39
N LYS A 27 -17.86 2.13 -12.24
CA LYS A 27 -18.46 2.87 -13.33
C LYS A 27 -17.39 3.40 -14.30
N VAL A 28 -16.19 3.62 -13.79
CA VAL A 28 -15.04 4.02 -14.59
C VAL A 28 -14.07 2.86 -14.81
N VAL A 29 -13.76 2.11 -13.76
CA VAL A 29 -12.73 1.03 -13.77
C VAL A 29 -13.27 -0.39 -14.03
N VAL A 30 -12.47 -1.22 -14.73
CA VAL A 30 -12.80 -2.61 -15.12
C VAL A 30 -11.72 -3.63 -14.71
N GLY A 31 -12.12 -4.86 -14.33
CA GLY A 31 -11.21 -6.09 -14.12
C GLY A 31 -10.03 -5.85 -13.20
N GLN A 32 -10.29 -5.11 -12.11
N GLN A 32 -10.45 -5.30 -12.09
CA GLN A 32 -9.26 -4.77 -11.13
CA GLN A 32 -9.71 -4.48 -11.18
C GLN A 32 -9.71 -4.76 -9.65
C GLN A 32 -9.67 -4.82 -9.69
N LYS A 33 -10.51 -5.76 -9.26
CA LYS A 33 -10.88 -5.94 -7.88
C LYS A 33 -9.70 -6.09 -6.91
N TYR A 34 -8.66 -6.79 -7.35
CA TYR A 34 -7.51 -7.02 -6.50
C TYR A 34 -6.78 -5.72 -6.16
N ILE A 36 -7.82 -2.52 -6.40
CA ILE A 36 -8.68 -1.63 -5.63
C ILE A 36 -8.84 -2.09 -4.20
N ASN A 37 -9.00 -3.39 -3.96
CA ASN A 37 -9.04 -3.89 -2.59
C ASN A 37 -7.74 -3.52 -1.82
N ARG A 38 -6.57 -3.71 -2.45
CA ARG A 38 -5.29 -3.41 -1.78
C ARG A 38 -5.12 -1.90 -1.54
N LEU A 39 -5.54 -1.09 -2.49
CA LEU A 39 -5.49 0.38 -2.33
C LEU A 39 -6.34 0.82 -1.16
N LEU A 40 -7.51 0.18 -1.00
CA LEU A 40 -8.45 0.46 0.08
C LEU A 40 -7.89 0.06 1.42
N ILE A 41 -7.33 -1.14 1.49
CA ILE A 41 -6.65 -1.59 2.71
C ILE A 41 -5.55 -0.59 3.10
N GLY A 42 -4.77 -0.12 2.12
CA GLY A 42 -3.72 0.87 2.34
C GLY A 42 -4.20 2.17 2.94
N ILE A 43 -5.18 2.78 2.29
CA ILE A 43 -5.67 4.08 2.76
C ILE A 43 -6.38 3.95 4.10
N CYS A 44 -7.09 2.86 4.36
CA CYS A 44 -7.75 2.70 5.65
C CYS A 44 -6.83 2.26 6.80
N THR A 45 -5.66 1.68 6.52
CA THR A 45 -4.74 1.24 7.59
C THR A 45 -3.52 2.15 7.74
N GLY A 46 -3.37 3.12 6.85
CA GLY A 46 -2.21 3.99 6.85
C GLY A 46 -0.95 3.41 6.29
N GLY A 47 -1.02 2.32 5.54
CA GLY A 47 0.18 1.71 5.01
C GLY A 47 0.45 2.22 3.59
N HIS A 48 1.66 2.00 3.12
CA HIS A 48 2.12 2.42 1.81
C HIS A 48 2.39 1.18 0.98
N ILE A 49 2.28 1.33 -0.35
CA ILE A 49 2.39 0.21 -1.27
C ILE A 49 3.45 0.46 -2.32
N LEU A 50 4.24 -0.55 -2.57
CA LEU A 50 5.26 -0.51 -3.59
C LEU A 50 4.78 -1.41 -4.72
N LEU A 51 4.74 -0.90 -5.95
CA LEU A 51 4.35 -1.66 -7.15
C LEU A 51 5.57 -1.94 -8.03
N GLU A 52 5.69 -3.17 -8.52
CA GLU A 52 6.80 -3.54 -9.39
C GLU A 52 6.19 -3.57 -10.79
N GLY A 53 6.62 -2.59 -11.59
CA GLY A 53 6.10 -2.25 -12.94
C GLY A 53 5.48 -0.83 -12.86
N VAL A 54 5.46 -0.09 -13.96
CA VAL A 54 4.84 1.24 -14.03
C VAL A 54 3.33 1.02 -14.41
N PRO A 55 2.38 1.58 -13.60
CA PRO A 55 0.95 1.33 -13.87
C PRO A 55 0.40 2.05 -15.12
N GLY A 56 -0.24 1.27 -15.98
CA GLY A 56 -0.83 1.76 -17.21
C GLY A 56 -2.14 2.46 -16.94
N LEU A 57 -2.65 3.10 -18.00
CA LEU A 57 -3.88 3.89 -18.04
C LEU A 57 -5.00 3.35 -17.14
N ALA A 58 -5.30 2.06 -17.26
CA ALA A 58 -6.35 1.43 -16.47
C ALA A 58 -6.05 1.44 -14.95
N LYS A 59 -4.78 1.25 -14.55
CA LYS A 59 -4.39 1.28 -13.12
C LYS A 59 -4.34 2.69 -12.54
N THR A 60 -3.78 3.65 -13.27
CA THR A 60 -3.73 5.05 -12.82
C THR A 60 -5.15 5.69 -12.79
N LEU A 61 -6.00 5.30 -13.73
CA LEU A 61 -7.38 5.76 -13.75
C LEU A 61 -8.07 5.14 -12.54
N SER A 62 -7.67 3.93 -12.14
CA SER A 62 -8.25 3.31 -10.97
C SER A 62 -7.90 4.07 -9.68
N VAL A 63 -6.66 4.55 -9.59
CA VAL A 63 -6.20 5.29 -8.41
C VAL A 63 -6.87 6.65 -8.29
N ASN A 64 -6.93 7.38 -9.40
CA ASN A 64 -7.56 8.71 -9.43
C ASN A 64 -9.08 8.60 -9.18
N THR A 65 -9.73 7.58 -9.72
CA THR A 65 -11.16 7.35 -9.51
C THR A 65 -11.48 6.98 -8.04
N LEU A 66 -10.66 6.14 -7.43
CA LEU A 66 -10.85 5.76 -6.03
C LEU A 66 -10.75 6.98 -5.14
N ALA A 67 -9.73 7.82 -5.40
CA ALA A 67 -9.52 9.06 -4.65
C ALA A 67 -10.73 9.97 -4.72
N LYS A 68 -11.31 10.13 -5.92
CA LYS A 68 -12.51 10.96 -6.11
C LYS A 68 -13.73 10.44 -5.35
N THR A 69 -13.95 9.14 -5.40
CA THR A 69 -15.05 8.51 -4.68
C THR A 69 -14.93 8.66 -3.15
N ASP A 71 -13.31 11.40 -1.50
CA ASP A 71 -13.06 12.82 -1.15
C ASP A 71 -11.59 13.10 -0.79
N LEU A 72 -10.67 12.38 -1.44
CA LEU A 72 -9.24 12.47 -1.17
C LEU A 72 -8.52 13.12 -2.35
N ASP A 73 -7.51 13.93 -2.04
CA ASP A 73 -6.68 14.65 -3.02
C ASP A 73 -5.72 13.59 -3.60
N PHE A 74 -5.38 13.71 -4.88
CA PHE A 74 -4.46 12.78 -5.54
C PHE A 74 -3.40 13.57 -6.30
N HIS A 75 -2.12 13.26 -6.11
CA HIS A 75 -1.05 13.92 -6.89
CA HIS A 75 -1.00 13.94 -6.81
C HIS A 75 -0.10 12.86 -7.41
N ARG A 76 0.27 12.98 -8.69
CA ARG A 76 1.26 12.08 -9.30
CA ARG A 76 1.22 12.09 -9.34
C ARG A 76 2.56 12.86 -9.36
N ILE A 77 3.63 12.26 -8.82
CA ILE A 77 4.96 12.88 -8.83
C ILE A 77 5.81 12.00 -9.73
N GLN A 78 6.30 12.57 -10.83
CA GLN A 78 7.21 11.85 -11.71
C GLN A 78 8.63 12.00 -11.13
N PHE A 79 9.22 10.89 -10.73
CA PHE A 79 10.60 10.85 -10.19
C PHE A 79 11.54 10.85 -11.36
N THR A 80 12.53 11.74 -11.31
CA THR A 80 13.52 11.92 -12.40
C THR A 80 14.91 12.11 -11.77
N PRO A 81 15.98 11.87 -12.56
CA PRO A 81 17.34 11.97 -12.00
C PRO A 81 17.75 13.34 -11.45
N ASP A 82 17.14 14.41 -11.92
CA ASP A 82 17.38 15.78 -11.47
C ASP A 82 16.42 16.26 -10.37
N LEU A 83 15.56 15.37 -9.85
CA LEU A 83 14.62 15.74 -8.83
C LEU A 83 15.45 15.94 -7.55
N LEU A 84 15.12 16.99 -6.80
CA LEU A 84 15.82 17.31 -5.57
C LEU A 84 14.91 16.93 -4.41
N PRO A 85 15.49 16.60 -3.24
CA PRO A 85 14.64 16.34 -2.08
C PRO A 85 13.70 17.51 -1.78
N SER A 86 14.17 18.74 -1.96
CA SER A 86 13.31 19.91 -1.76
C SER A 86 12.13 20.05 -2.78
N ASP A 87 12.29 19.51 -4.00
CA ASP A 87 11.19 19.47 -4.95
C ASP A 87 9.98 18.66 -4.42
N LEU A 88 10.20 17.56 -3.70
CA LEU A 88 9.09 16.79 -3.09
C LEU A 88 8.32 17.56 -2.04
N ILE A 89 9.10 18.18 -1.14
CA ILE A 89 8.60 18.89 0.05
C ILE A 89 7.98 20.26 -0.18
N GLY A 90 8.55 21.08 -1.05
CA GLY A 90 8.01 22.43 -1.32
C GLY A 90 7.99 22.83 -2.78
N THR A 91 7.19 23.84 -3.11
CA THR A 91 7.08 24.41 -4.47
C THR A 91 7.21 25.94 -4.40
N ILE A 93 6.70 29.47 -5.55
CA ILE A 93 5.69 30.19 -6.31
C ILE A 93 5.93 31.67 -6.11
N TYR A 94 5.24 32.47 -6.91
CA TYR A 94 5.26 33.91 -6.78
C TYR A 94 3.84 34.26 -6.33
N ASN A 95 3.71 34.58 -5.03
CA ASN A 95 2.43 34.99 -4.46
C ASN A 95 2.17 36.44 -4.90
N GLN A 96 1.12 36.63 -5.71
CA GLN A 96 0.76 37.95 -6.25
C GLN A 96 0.21 38.92 -5.19
N HIS A 97 -0.47 38.39 -4.16
CA HIS A 97 -1.02 39.19 -3.06
C HIS A 97 0.10 39.80 -2.19
N LYS A 98 1.09 38.97 -1.83
CA LYS A 98 2.26 39.40 -1.06
C LYS A 98 3.32 40.12 -1.89
N GLY A 99 3.44 39.78 -3.18
CA GLY A 99 4.41 40.40 -4.09
C GLY A 99 5.86 39.97 -3.89
N ASN A 100 6.06 38.71 -3.50
CA ASN A 100 7.38 38.13 -3.30
C ASN A 100 7.35 36.66 -3.62
N PHE A 101 8.52 36.02 -3.59
CA PHE A 101 8.69 34.58 -3.85
C PHE A 101 8.72 33.81 -2.53
N GLU A 102 7.82 32.84 -2.39
CA GLU A 102 7.69 32.02 -1.17
C GLU A 102 7.43 30.55 -1.53
N VAL A 103 7.86 29.65 -0.65
CA VAL A 103 7.73 28.22 -0.84
C VAL A 103 6.45 27.72 -0.16
N LYS A 104 5.53 27.20 -0.96
CA LYS A 104 4.29 26.62 -0.43
C LYS A 104 4.49 25.13 -0.30
N LYS A 105 3.54 24.49 0.38
CA LYS A 105 3.56 23.05 0.56
C LYS A 105 3.74 22.37 -0.80
N GLY A 106 4.71 21.47 -0.88
CA GLY A 106 5.05 20.77 -2.12
C GLY A 106 4.13 19.62 -2.47
N PRO A 107 4.45 18.89 -3.56
CA PRO A 107 3.60 17.79 -4.03
C PRO A 107 3.31 16.64 -3.08
N VAL A 108 4.16 16.38 -2.08
CA VAL A 108 3.88 15.30 -1.12
C VAL A 108 2.71 15.57 -0.19
N PHE A 109 2.26 16.83 -0.10
CA PHE A 109 1.10 17.17 0.70
C PHE A 109 -0.17 16.87 -0.11
N SER A 110 -0.57 15.62 -0.06
CA SER A 110 -1.73 15.11 -0.74
C SER A 110 -2.14 13.91 0.08
N ASN A 111 -3.22 13.25 -0.31
CA ASN A 111 -3.71 12.07 0.39
C ASN A 111 -3.18 10.85 -0.33
N PHE A 112 -3.37 10.76 -1.65
CA PHE A 112 -2.81 9.67 -2.44
C PHE A 112 -1.68 10.29 -3.20
N ILE A 113 -0.50 9.69 -3.12
CA ILE A 113 0.66 10.14 -3.85
C ILE A 113 1.13 9.00 -4.71
N LEU A 114 1.06 9.16 -6.04
CA LEU A 114 1.65 8.17 -6.95
C LEU A 114 3.08 8.63 -7.22
N ALA A 115 4.02 8.00 -6.57
CA ALA A 115 5.44 8.28 -6.73
C ALA A 115 5.92 7.38 -7.86
N ASP A 116 5.90 7.89 -9.06
CA ASP A 116 6.17 7.07 -10.25
C ASP A 116 7.64 6.95 -10.58
N GLU A 117 8.11 5.72 -10.75
CA GLU A 117 9.47 5.40 -11.07
C GLU A 117 10.49 5.99 -10.08
N VAL A 118 10.30 5.67 -8.79
CA VAL A 118 11.17 6.15 -7.72
C VAL A 118 12.62 5.72 -7.93
N ASN A 119 12.80 4.61 -8.63
CA ASN A 119 14.14 4.17 -9.04
C ASN A 119 14.85 5.08 -10.08
N ARG A 120 14.18 6.09 -10.64
CA ARG A 120 14.82 7.06 -11.53
C ARG A 120 15.50 8.23 -10.80
N SER A 121 15.28 8.38 -9.50
CA SER A 121 15.86 9.48 -8.74
C SER A 121 17.00 8.98 -7.84
N PRO A 122 17.92 9.90 -7.46
CA PRO A 122 19.01 9.48 -6.56
C PRO A 122 18.51 9.03 -5.16
N ALA A 123 19.32 8.23 -4.49
CA ALA A 123 19.02 7.70 -3.18
C ALA A 123 18.62 8.78 -2.13
N LYS A 124 19.20 9.96 -2.19
CA LYS A 124 18.78 11.06 -1.31
C LYS A 124 17.33 11.46 -1.50
N VAL A 125 16.85 11.43 -2.75
CA VAL A 125 15.44 11.78 -3.00
C VAL A 125 14.55 10.65 -2.48
N GLN A 126 14.98 9.42 -2.70
CA GLN A 126 14.25 8.26 -2.19
C GLN A 126 14.17 8.33 -0.66
N SER A 127 15.29 8.67 0.00
CA SER A 127 15.32 8.86 1.46
C SER A 127 14.34 9.95 1.93
N ALA A 128 14.23 11.03 1.18
CA ALA A 128 13.29 12.10 1.49
C ALA A 128 11.84 11.59 1.48
N LEU A 129 11.49 10.80 0.45
CA LEU A 129 10.16 10.20 0.38
C LEU A 129 9.89 9.27 1.56
N LEU A 130 10.83 8.38 1.86
CA LEU A 130 10.68 7.46 2.97
C LEU A 130 10.60 8.19 4.33
N GLU A 131 11.29 9.32 4.47
CA GLU A 131 11.22 10.12 5.70
C GLU A 131 9.79 10.66 5.91
N CYS A 132 9.14 11.10 4.83
CA CYS A 132 7.76 11.58 4.89
C CYS A 132 6.84 10.47 5.32
N GLN A 134 7.70 7.76 7.02
CA GLN A 134 8.02 7.36 8.38
C GLN A 134 7.61 8.43 9.43
N GLU A 135 7.98 9.69 9.22
CA GLU A 135 7.70 10.75 10.17
C GLU A 135 6.34 11.47 10.04
N LYS A 136 5.64 11.32 8.91
CA LYS A 136 4.35 11.99 8.69
C LYS A 136 4.38 13.53 8.90
N GLN A 137 5.56 14.13 8.67
CA GLN A 137 5.76 15.58 8.81
C GLN A 137 7.09 15.95 8.16
N VAL A 138 7.21 17.20 7.76
CA VAL A 138 8.42 17.73 7.13
C VAL A 138 8.59 19.18 7.53
N THR A 139 9.83 19.67 7.44
CA THR A 139 10.14 21.08 7.75
C THR A 139 10.41 21.84 6.45
N ILE A 140 9.52 22.79 6.15
CA ILE A 140 9.67 23.67 5.01
C ILE A 140 10.53 24.81 5.56
N GLY A 141 11.84 24.63 5.46
CA GLY A 141 12.82 25.64 5.91
C GLY A 141 12.90 25.81 7.42
N ASP A 142 12.04 26.68 7.95
CA ASP A 142 11.99 27.01 9.38
C ASP A 142 10.98 26.12 10.13
N THR A 143 9.69 26.32 9.86
CA THR A 143 8.61 25.62 10.58
C THR A 143 8.22 24.24 10.00
N THR A 144 7.86 23.32 10.90
CA THR A 144 7.47 21.95 10.55
C THR A 144 5.97 21.86 10.32
N TYR A 145 5.59 21.15 9.25
CA TYR A 145 4.18 20.95 8.90
C TYR A 145 3.88 19.46 8.88
N PRO A 146 2.77 19.03 9.50
CA PRO A 146 2.42 17.62 9.38
C PRO A 146 1.83 17.34 7.99
N LEU A 147 2.02 16.12 7.49
CA LEU A 147 1.43 15.70 6.21
CA LEU A 147 1.43 15.70 6.21
C LEU A 147 -0.06 15.48 6.41
N ASP A 148 -0.82 15.37 5.33
CA ASP A 148 -2.28 15.20 5.46
C ASP A 148 -2.60 13.81 6.01
N ASN A 149 -3.80 13.67 6.52
CA ASN A 149 -4.29 12.44 7.07
C ASN A 149 -5.64 12.19 6.36
N PRO A 150 -5.79 11.04 5.67
CA PRO A 150 -4.87 9.92 5.46
C PRO A 150 -3.83 10.30 4.42
N PHE A 151 -2.74 9.55 4.39
CA PHE A 151 -1.62 9.75 3.49
C PHE A 151 -1.18 8.37 2.99
N LEU A 152 -1.32 8.11 1.70
CA LEU A 152 -0.83 6.85 1.10
C LEU A 152 0.12 7.16 -0.03
N VAL A 153 1.30 6.53 0.02
CA VAL A 153 2.30 6.63 -1.02
C VAL A 153 2.21 5.31 -1.76
N LEU A 154 1.94 5.41 -3.05
CA LEU A 154 1.96 4.31 -3.97
C LEU A 154 3.21 4.56 -4.82
N ALA A 155 4.28 3.85 -4.53
CA ALA A 155 5.56 4.08 -5.19
C ALA A 155 5.68 3.01 -6.23
N THR A 156 6.15 3.36 -7.44
CA THR A 156 6.31 2.37 -8.50
C THR A 156 7.77 2.34 -8.91
N GLN A 157 8.22 1.17 -9.32
CA GLN A 157 9.57 1.00 -9.83
C GLN A 157 9.45 0.22 -11.14
N ASN A 158 10.18 0.68 -12.15
CA ASN A 158 10.25 0.03 -13.45
C ASN A 158 11.39 -0.98 -13.37
N PRO A 159 11.09 -2.29 -13.42
CA PRO A 159 12.16 -3.29 -13.23
C PRO A 159 13.19 -3.49 -14.37
N VAL A 160 12.88 -2.98 -15.57
CA VAL A 160 13.75 -3.13 -16.74
C VAL A 160 14.13 -1.75 -17.30
N GLU A 161 14.53 -0.86 -16.40
CA GLU A 161 14.95 0.49 -16.75
C GLU A 161 16.33 0.37 -17.40
N GLN A 162 16.38 0.51 -18.73
CA GLN A 162 17.64 0.43 -19.50
C GLN A 162 18.56 1.65 -19.33
N GLU A 163 18.00 2.77 -18.84
CA GLU A 163 18.76 3.99 -18.53
C GLU A 163 19.16 3.94 -17.04
N GLY A 164 19.73 5.04 -16.53
CA GLY A 164 20.17 5.14 -15.13
C GLY A 164 19.05 4.74 -14.16
N THR A 165 19.40 3.88 -13.20
CA THR A 165 18.45 3.36 -12.23
C THR A 165 19.11 3.04 -10.90
N TYR A 166 18.43 3.43 -9.81
CA TYR A 166 18.87 3.23 -8.44
CA TYR A 166 18.88 3.14 -8.44
C TYR A 166 17.72 2.46 -7.72
N PRO A 167 17.68 1.10 -7.83
CA PRO A 167 16.52 0.46 -7.18
C PRO A 167 16.61 0.55 -5.66
N LEU A 168 15.45 0.60 -5.02
CA LEU A 168 15.37 0.72 -3.57
C LEU A 168 16.02 -0.53 -2.95
N PRO A 169 16.91 -0.34 -1.98
CA PRO A 169 17.46 -1.49 -1.28
C PRO A 169 16.45 -2.09 -0.27
N GLU A 170 16.76 -3.27 0.26
CA GLU A 170 15.75 -3.94 1.10
CA GLU A 170 15.90 -4.05 1.18
C GLU A 170 15.41 -3.31 2.43
N ALA A 171 16.33 -2.64 3.11
CA ALA A 171 15.94 -1.89 4.32
C ALA A 171 14.85 -0.89 4.00
N GLN A 172 14.92 -0.32 2.79
CA GLN A 172 13.97 0.68 2.32
C GLN A 172 12.63 0.06 1.84
N VAL A 173 12.70 -1.06 1.12
CA VAL A 173 11.46 -1.69 0.66
C VAL A 173 10.65 -2.21 1.89
N ASP A 174 11.30 -2.49 3.01
CA ASP A 174 10.65 -2.91 4.28
C ASP A 174 9.75 -1.83 4.89
N ARG A 175 9.84 -0.59 4.45
CA ARG A 175 8.95 0.46 4.91
C ARG A 175 7.55 0.47 4.23
N PHE A 176 7.39 -0.33 3.19
CA PHE A 176 6.13 -0.52 2.51
C PHE A 176 5.40 -1.74 3.10
N LYS A 179 4.22 -5.22 -1.21
CA LYS A 179 4.82 -5.09 -2.52
C LYS A 179 3.93 -5.93 -3.48
N ILE A 180 3.46 -5.30 -4.55
CA ILE A 180 2.56 -5.93 -5.53
C ILE A 180 3.20 -5.91 -6.91
N HIS A 181 3.21 -7.05 -7.59
CA HIS A 181 3.81 -7.19 -8.91
CA HIS A 181 3.81 -7.17 -8.93
C HIS A 181 2.69 -6.99 -9.93
N LEU A 182 2.79 -5.93 -10.75
CA LEU A 182 1.74 -5.63 -11.75
C LEU A 182 1.76 -6.56 -12.92
N THR A 183 0.57 -6.85 -13.43
CA THR A 183 0.37 -7.71 -14.57
C THR A 183 -0.60 -7.01 -15.54
N TYR A 184 -0.58 -7.42 -16.79
CA TYR A 184 -1.53 -6.88 -17.77
C TYR A 184 -2.92 -7.42 -17.49
N LEU A 185 -3.93 -6.68 -17.92
CA LEU A 185 -5.30 -7.14 -17.85
C LEU A 185 -5.50 -8.30 -18.80
N ASP A 186 -6.58 -9.03 -18.59
CA ASP A 186 -6.99 -10.06 -19.53
C ASP A 186 -7.60 -9.33 -20.74
N LYS A 187 -7.73 -10.04 -21.86
CA LYS A 187 -8.22 -9.40 -23.10
C LYS A 187 -9.63 -8.83 -23.03
N GLU A 188 -10.52 -9.52 -22.33
CA GLU A 188 -11.89 -9.04 -22.14
C GLU A 188 -11.96 -7.75 -21.35
N SER A 189 -11.15 -7.62 -20.30
CA SER A 189 -11.11 -6.39 -19.53
C SER A 189 -10.53 -5.25 -20.34
N GLU A 190 -9.45 -5.54 -21.04
CA GLU A 190 -8.79 -4.55 -21.88
C GLU A 190 -9.70 -4.03 -23.00
N LEU A 191 -10.48 -4.92 -23.58
CA LEU A 191 -11.48 -4.53 -24.54
C LEU A 191 -12.48 -3.52 -23.95
N GLU A 192 -13.00 -3.81 -22.76
CA GLU A 192 -13.97 -2.93 -22.11
C GLU A 192 -13.36 -1.57 -21.71
N VAL A 193 -12.12 -1.56 -21.23
CA VAL A 193 -11.39 -0.32 -20.96
C VAL A 193 -11.25 0.55 -22.20
N ARG A 195 -13.08 0.43 -24.89
CA ARG A 195 -14.42 0.94 -25.20
C ARG A 195 -14.84 2.16 -24.44
N ARG A 196 -14.64 2.11 -23.13
CA ARG A 196 -14.98 3.24 -22.29
C ARG A 196 -14.13 4.47 -22.54
N VAL A 197 -12.83 4.30 -22.44
CA VAL A 197 -11.87 5.39 -22.50
C VAL A 197 -11.75 5.97 -23.89
N SER A 198 -11.92 5.16 -24.94
CA SER A 198 -11.85 5.72 -26.32
C SER A 198 -12.92 6.74 -26.63
N ASN A 199 -14.05 6.63 -25.95
CA ASN A 199 -15.16 7.56 -26.13
C ASN A 199 -14.71 8.90 -25.58
N ASN A 201 -16.42 11.49 -25.07
CA ASN A 201 -17.43 12.05 -24.15
C ASN A 201 -17.64 11.16 -22.94
N PHE A 202 -16.72 10.24 -22.65
CA PHE A 202 -16.88 9.38 -21.49
C PHE A 202 -16.86 10.23 -20.20
N ASN A 203 -17.86 10.03 -19.36
CA ASN A 203 -17.97 10.77 -18.10
C ASN A 203 -17.14 10.08 -17.00
N TYR A 204 -16.08 10.77 -16.58
CA TYR A 204 -15.17 10.32 -15.51
C TYR A 204 -15.54 10.88 -14.13
N GLN A 205 -16.55 11.78 -14.07
CA GLN A 205 -16.95 12.39 -12.80
C GLN A 205 -17.77 11.36 -12.02
N VAL A 206 -17.21 10.88 -10.92
CA VAL A 206 -17.87 9.92 -10.06
C VAL A 206 -18.35 10.74 -8.89
N GLN A 207 -19.31 10.22 -8.14
CA GLN A 207 -19.80 10.91 -6.95
C GLN A 207 -18.88 10.61 -5.75
N LYS A 208 -18.77 11.56 -4.82
CA LYS A 208 -18.08 11.34 -3.56
C LYS A 208 -19.00 10.44 -2.73
N ILE A 209 -18.57 9.22 -2.44
CA ILE A 209 -19.39 8.29 -1.65
C ILE A 209 -19.17 8.55 -0.15
N VAL A 210 -17.90 8.79 0.23
CA VAL A 210 -17.53 9.11 1.59
C VAL A 210 -16.71 10.41 1.65
N SER A 211 -16.78 11.11 2.77
CA SER A 211 -15.95 12.29 3.02
C SER A 211 -14.58 11.86 3.59
N LYS A 212 -13.63 12.79 3.61
CA LYS A 212 -12.30 12.57 4.17
CA LYS A 212 -12.31 12.52 4.16
CA LYS A 212 -12.30 12.58 4.15
C LYS A 212 -12.46 12.17 5.64
N ASN A 213 -13.40 12.81 6.36
CA ASN A 213 -13.66 12.45 7.77
C ASN A 213 -14.18 11.01 7.94
N ASP A 214 -15.05 10.58 7.03
CA ASP A 214 -15.56 9.20 6.99
C ASP A 214 -14.44 8.21 6.83
N VAL A 215 -13.44 8.55 6.00
CA VAL A 215 -12.26 7.67 5.82
C VAL A 215 -11.52 7.46 7.15
N LEU A 216 -11.37 8.53 7.93
CA LEU A 216 -10.73 8.48 9.24
C LEU A 216 -11.60 7.70 10.24
N GLU A 217 -12.93 7.78 10.10
CA GLU A 217 -13.83 6.96 10.92
C GLU A 217 -13.74 5.48 10.57
N ILE A 218 -13.63 5.16 9.28
CA ILE A 218 -13.48 3.77 8.81
C ILE A 218 -12.18 3.17 9.38
N ARG A 219 -11.10 3.93 9.39
CA ARG A 219 -9.85 3.47 10.01
C ARG A 219 -10.06 3.13 11.50
N ASN A 220 -10.77 3.99 12.22
CA ASN A 220 -11.07 3.77 13.62
C ASN A 220 -11.99 2.53 13.79
N GLU A 221 -12.94 2.32 12.90
CA GLU A 221 -13.78 1.12 12.94
C GLU A 221 -12.99 -0.15 12.72
N ILE A 222 -12.05 -0.13 11.79
CA ILE A 222 -11.17 -1.29 11.52
C ILE A 222 -10.29 -1.60 12.75
N ASN A 223 -9.83 -0.56 13.41
CA ASN A 223 -9.00 -0.67 14.60
C ASN A 223 -9.70 -1.38 15.76
N LYS A 224 -11.04 -1.34 15.79
CA LYS A 224 -11.86 -2.01 16.80
C LYS A 224 -12.12 -3.49 16.52
N VAL A 225 -11.81 -3.99 15.33
CA VAL A 225 -12.02 -5.39 15.00
C VAL A 225 -11.15 -6.21 15.96
N THR A 226 -11.68 -7.31 16.48
CA THR A 226 -10.97 -8.11 17.44
C THR A 226 -10.14 -9.19 16.78
N ILE A 227 -9.05 -9.57 17.44
CA ILE A 227 -8.21 -10.68 16.99
C ILE A 227 -7.87 -11.55 18.22
N SER A 228 -8.12 -12.85 18.13
CA SER A 228 -7.91 -13.73 19.25
C SER A 228 -6.44 -13.88 19.54
N GLU A 229 -6.14 -14.30 20.77
CA GLU A 229 -4.76 -14.54 21.18
C GLU A 229 -4.11 -15.63 20.32
N SER A 230 -4.90 -16.62 19.97
CA SER A 230 -4.50 -17.69 19.08
C SER A 230 -4.00 -17.17 17.71
N LEU A 231 -4.75 -16.23 17.13
CA LEU A 231 -4.37 -15.63 15.84
C LEU A 231 -3.26 -14.62 15.98
N GLU A 232 -3.20 -13.87 17.07
CA GLU A 232 -2.05 -13.01 17.36
C GLU A 232 -0.76 -13.85 17.43
N LYS A 233 -0.78 -14.96 18.18
CA LYS A 233 0.40 -15.83 18.26
C LYS A 233 0.74 -16.45 16.91
N TYR A 234 -0.27 -16.72 16.08
CA TYR A 234 -0.07 -17.26 14.73
C TYR A 234 0.70 -16.30 13.86
N ILE A 235 0.34 -15.02 13.90
CA ILE A 235 1.08 -14.00 13.18
C ILE A 235 2.56 -13.99 13.59
N ILE A 236 2.81 -14.01 14.90
CA ILE A 236 4.16 -14.05 15.44
C ILE A 236 4.92 -15.29 14.95
N GLU A 237 4.26 -16.45 14.95
CA GLU A 237 4.90 -17.69 14.49
C GLU A 237 5.28 -17.67 13.01
N LEU A 238 4.41 -17.07 12.18
CA LEU A 238 4.63 -16.96 10.74
C LEU A 238 5.89 -16.11 10.50
N VAL A 239 5.95 -14.97 11.20
CA VAL A 239 7.13 -14.09 11.15
C VAL A 239 8.39 -14.83 11.62
N PHE A 240 8.33 -15.53 12.75
CA PHE A 240 9.48 -16.27 13.24
C PHE A 240 9.89 -17.44 12.36
N ALA A 241 8.95 -18.00 11.58
CA ALA A 241 9.30 -19.09 10.64
C ALA A 241 10.18 -18.56 9.49
N THR A 242 10.04 -17.29 9.13
CA THR A 242 10.92 -16.68 8.13
C THR A 242 12.34 -16.42 8.67
N ARG A 243 12.49 -16.30 9.99
CA ARG A 243 13.78 -16.01 10.63
C ARG A 243 14.53 -17.24 11.04
N PHE A 244 13.80 -18.25 11.52
CA PHE A 244 14.40 -19.51 12.03
C PHE A 244 13.70 -20.71 11.41
N PRO A 245 13.66 -20.77 10.08
CA PRO A 245 12.90 -21.83 9.42
C PRO A 245 13.28 -23.27 9.75
N ALA A 246 14.55 -23.52 10.06
CA ALA A 246 15.00 -24.89 10.38
C ALA A 246 14.37 -25.37 11.68
N GLU A 247 14.05 -24.43 12.56
CA GLU A 247 13.39 -24.73 13.82
C GLU A 247 11.89 -25.09 13.68
N TYR A 248 11.32 -24.88 12.48
CA TYR A 248 9.95 -25.26 12.14
C TYR A 248 9.98 -26.46 11.19
N GLY A 249 11.12 -27.16 11.10
CA GLY A 249 11.27 -28.29 10.19
C GLY A 249 11.46 -27.91 8.72
N LEU A 250 11.77 -26.65 8.44
CA LEU A 250 12.00 -26.18 7.08
C LEU A 250 13.51 -25.97 6.83
N GLU A 251 14.27 -27.07 6.89
CA GLU A 251 15.73 -27.04 6.70
CA GLU A 251 15.73 -27.06 6.68
C GLU A 251 16.13 -26.47 5.34
N ALA A 252 15.41 -26.85 4.29
CA ALA A 252 15.67 -26.36 2.92
C ALA A 252 15.55 -24.84 2.84
N GLU A 253 14.50 -24.30 3.45
CA GLU A 253 14.25 -22.87 3.41
C GLU A 253 15.34 -22.11 4.14
N ALA A 254 15.86 -22.69 5.22
CA ALA A 254 16.99 -22.10 5.95
C ALA A 254 18.18 -21.92 4.99
N SER A 255 18.36 -22.85 4.05
CA SER A 255 19.43 -22.74 3.05
C SER A 255 19.19 -21.67 1.99
N TYR A 256 17.93 -21.30 1.73
CA TYR A 256 17.60 -20.30 0.71
C TYR A 256 17.55 -18.85 1.23
N ILE A 257 17.16 -18.69 2.50
CA ILE A 257 16.93 -17.39 3.10
C ILE A 257 18.16 -16.79 3.76
N LEU A 258 18.49 -15.55 3.40
CA LEU A 258 19.60 -14.81 4.00
C LEU A 258 19.10 -14.25 5.33
N TYR A 259 17.97 -13.54 5.31
CA TYR A 259 17.34 -13.10 6.54
C TYR A 259 15.84 -12.92 6.34
N GLY A 260 15.12 -12.99 7.46
CA GLY A 260 13.66 -12.97 7.48
C GLY A 260 13.04 -11.62 7.72
N ALA A 261 11.76 -11.64 8.08
CA ALA A 261 10.93 -10.47 8.15
C ALA A 261 11.03 -9.69 9.43
N SER A 262 11.03 -8.37 9.33
CA SER A 262 11.09 -7.51 10.50
C SER A 262 9.79 -7.53 11.27
N THR A 263 9.81 -6.84 12.42
CA THR A 263 8.61 -6.63 13.24
C THR A 263 7.52 -5.88 12.46
N ARG A 264 7.89 -5.07 11.48
CA ARG A 264 6.91 -4.38 10.65
CA ARG A 264 6.89 -4.38 10.69
C ARG A 264 5.94 -5.34 9.98
N ALA A 265 6.43 -6.53 9.61
CA ALA A 265 5.58 -7.55 9.00
C ALA A 265 4.45 -7.97 9.93
N ALA A 266 4.78 -8.17 11.21
CA ALA A 266 3.78 -8.55 12.20
C ALA A 266 2.71 -7.49 12.39
N ILE A 267 3.13 -6.24 12.46
CA ILE A 267 2.18 -5.10 12.60
C ILE A 267 1.26 -4.98 11.41
N ASN A 268 1.82 -5.09 10.20
CA ASN A 268 1.02 -5.02 8.98
C ASN A 268 0.07 -6.22 8.88
N LEU A 269 0.54 -7.42 9.18
CA LEU A 269 -0.33 -8.59 9.16
C LEU A 269 -1.54 -8.41 10.06
N ASN A 270 -1.30 -7.82 11.22
CA ASN A 270 -2.37 -7.53 12.20
C ASN A 270 -3.35 -6.51 11.70
N ARG A 271 -2.88 -5.34 11.31
CA ARG A 271 -3.76 -4.28 10.80
C ARG A 271 -4.50 -4.68 9.54
N VAL A 272 -3.80 -5.34 8.62
CA VAL A 272 -4.40 -5.78 7.36
C VAL A 272 -5.43 -6.88 7.58
N ALA A 273 -5.13 -7.84 8.45
CA ALA A 273 -6.13 -8.87 8.80
C ALA A 273 -7.42 -8.25 9.30
N LYS A 274 -7.33 -7.21 10.11
CA LYS A 274 -8.51 -6.52 10.62
C LYS A 274 -9.28 -5.82 9.52
N ALA A 275 -8.57 -5.17 8.57
CA ALA A 275 -9.22 -4.54 7.42
C ALA A 275 -9.96 -5.61 6.57
N ALA A 277 -11.16 -8.51 7.53
CA ALA A 277 -12.33 -8.89 8.33
C ALA A 277 -13.48 -7.89 8.17
N PHE A 278 -13.14 -6.59 8.31
CA PHE A 278 -14.11 -5.51 8.18
C PHE A 278 -14.71 -5.49 6.78
N PHE A 279 -13.87 -5.67 5.76
CA PHE A 279 -14.36 -5.71 4.37
C PHE A 279 -15.22 -6.95 4.06
N ASN A 280 -15.12 -8.00 4.87
CA ASN A 280 -15.96 -9.19 4.77
C ASN A 280 -17.10 -9.15 5.79
N ASN A 281 -17.46 -7.97 6.28
CA ASN A 281 -18.56 -7.79 7.21
C ASN A 281 -18.47 -8.49 8.54
N ARG A 282 -17.26 -8.63 9.08
CA ARG A 282 -17.05 -9.22 10.38
C ARG A 282 -16.32 -8.22 11.26
N ASP A 283 -16.50 -8.33 12.57
CA ASP A 283 -15.75 -7.52 13.53
C ASP A 283 -14.75 -8.38 14.35
N TYR A 284 -14.42 -9.55 13.81
CA TYR A 284 -13.42 -10.44 14.37
C TYR A 284 -12.63 -11.00 13.19
N VAL A 285 -11.33 -11.29 13.40
CA VAL A 285 -10.44 -11.87 12.43
C VAL A 285 -10.52 -13.41 12.40
N LEU A 286 -10.42 -13.96 11.19
CA LEU A 286 -10.39 -15.39 10.92
C LEU A 286 -9.01 -15.74 10.33
N PRO A 287 -8.57 -17.00 10.44
CA PRO A 287 -7.27 -17.31 9.85
C PRO A 287 -7.14 -17.01 8.35
N GLU A 288 -8.22 -17.15 7.59
CA GLU A 288 -8.23 -16.85 6.15
C GLU A 288 -7.93 -15.37 5.85
N ASP A 289 -8.26 -14.45 6.77
CA ASP A 289 -7.93 -13.03 6.61
C ASP A 289 -6.43 -12.80 6.60
N ILE A 290 -5.70 -13.55 7.44
CA ILE A 290 -4.26 -13.49 7.55
C ILE A 290 -3.60 -14.19 6.35
N LYS A 291 -4.11 -15.36 5.97
CA LYS A 291 -3.52 -16.11 4.85
C LYS A 291 -3.66 -15.47 3.46
N GLU A 292 -4.77 -14.76 3.27
CA GLU A 292 -5.07 -14.03 2.04
C GLU A 292 -4.05 -12.94 1.74
N VAL A 293 -3.54 -12.29 2.78
CA VAL A 293 -2.58 -11.19 2.63
C VAL A 293 -1.15 -11.52 2.98
N ALA A 294 -0.83 -12.74 3.41
CA ALA A 294 0.53 -13.07 3.79
C ALA A 294 1.56 -12.85 2.69
N TYR A 295 1.27 -13.27 1.47
CA TYR A 295 2.24 -13.10 0.38
C TYR A 295 2.52 -11.61 0.09
N ASP A 296 1.47 -10.81 0.02
CA ASP A 296 1.64 -9.38 -0.28
C ASP A 296 2.46 -8.63 0.79
N ILE A 297 2.36 -9.08 2.03
CA ILE A 297 3.05 -8.46 3.16
C ILE A 297 4.46 -9.03 3.35
N LEU A 298 4.67 -10.29 3.03
CA LEU A 298 5.94 -10.97 3.26
C LEU A 298 6.86 -11.12 2.09
N ASN A 299 6.37 -11.05 0.85
CA ASN A 299 7.23 -11.35 -0.31
C ASN A 299 8.53 -10.53 -0.41
N HIS A 300 8.45 -9.27 -0.02
CA HIS A 300 9.57 -8.34 -0.08
C HIS A 300 10.34 -8.23 1.25
N ARG A 301 9.89 -8.95 2.26
CA ARG A 301 10.52 -8.97 3.60
C ARG A 301 11.37 -10.21 3.88
N ILE A 302 11.33 -11.18 2.98
CA ILE A 302 12.19 -12.35 3.07
C ILE A 302 13.26 -12.10 2.02
N ILE A 303 14.52 -12.07 2.45
CA ILE A 303 15.64 -11.79 1.54
C ILE A 303 16.37 -13.07 1.28
N LEU A 304 16.43 -13.48 0.03
CA LEU A 304 17.10 -14.73 -0.37
C LEU A 304 18.58 -14.53 -0.65
N ASN A 305 19.37 -15.57 -0.45
CA ASN A 305 20.78 -15.49 -0.73
C ASN A 305 21.00 -15.64 -2.23
N TYR A 306 22.11 -15.06 -2.69
CA TYR A 306 22.56 -15.07 -4.10
C TYR A 306 22.36 -16.42 -4.83
N GLU A 307 22.71 -17.52 -4.15
CA GLU A 307 22.61 -18.87 -4.71
C GLU A 307 21.16 -19.33 -4.92
N ALA A 308 20.27 -18.98 -3.99
CA ALA A 308 18.85 -19.34 -4.13
C ALA A 308 18.18 -18.59 -5.29
N GLU A 309 18.55 -17.32 -5.47
CA GLU A 309 18.06 -16.48 -6.58
C GLU A 309 18.44 -17.06 -7.94
N ALA A 310 19.71 -17.46 -8.09
CA ALA A 310 20.22 -18.06 -9.32
C ALA A 310 19.52 -19.37 -9.67
N GLU A 311 19.22 -20.17 -8.65
CA GLU A 311 18.52 -21.45 -8.76
C GLU A 311 17.03 -21.28 -9.13
N GLY A 312 16.47 -20.06 -9.09
CA GLY A 312 15.06 -19.80 -9.44
C GLY A 312 14.05 -19.89 -8.29
N ILE A 313 14.54 -19.86 -7.06
CA ILE A 313 13.69 -19.94 -5.89
C ILE A 313 13.02 -18.59 -5.71
N SER A 314 11.72 -18.62 -5.43
CA SER A 314 10.88 -17.43 -5.22
CA SER A 314 10.89 -17.41 -5.22
C SER A 314 10.39 -17.35 -3.78
N THR A 315 10.20 -16.13 -3.25
CA THR A 315 9.67 -15.97 -1.92
C THR A 315 8.22 -16.51 -1.94
N ARG A 316 7.53 -16.52 -3.09
CA ARG A 316 6.20 -17.12 -3.18
C ARG A 316 6.17 -18.56 -2.73
N GLN A 317 7.05 -19.39 -3.27
CA GLN A 317 7.12 -20.80 -2.87
C GLN A 317 7.44 -20.94 -1.37
N ILE A 318 8.31 -20.07 -0.86
CA ILE A 318 8.69 -20.12 0.55
C ILE A 318 7.50 -19.78 1.46
N ILE A 319 6.77 -18.73 1.10
CA ILE A 319 5.61 -18.28 1.89
C ILE A 319 4.51 -19.39 1.87
N GLU A 320 4.26 -20.00 0.71
CA GLU A 320 3.31 -21.13 0.59
C GLU A 320 3.72 -22.26 1.53
N THR A 321 5.01 -22.61 1.54
CA THR A 321 5.49 -23.68 2.41
C THR A 321 5.30 -23.35 3.90
N ILE A 322 5.58 -22.12 4.28
CA ILE A 322 5.41 -21.70 5.67
C ILE A 322 3.94 -21.80 6.05
N LEU A 323 3.06 -21.33 5.17
CA LEU A 323 1.61 -21.40 5.40
C LEU A 323 1.10 -22.83 5.55
N ARG A 324 1.69 -23.76 4.83
CA ARG A 324 1.32 -25.19 4.99
C ARG A 324 1.88 -25.82 6.29
N LYS A 325 2.99 -25.30 6.81
CA LYS A 325 3.67 -25.85 7.98
C LYS A 325 3.28 -25.29 9.35
N VAL A 326 3.11 -23.97 9.49
CA VAL A 326 2.83 -23.36 10.80
C VAL A 326 1.39 -23.60 11.26
N ASN A 327 1.23 -24.15 12.46
CA ASN A 327 -0.08 -24.43 13.04
C ASN A 327 -0.61 -23.31 13.94
N ILE A 328 -1.92 -23.33 14.15
CA ILE A 328 -2.62 -22.40 15.02
C ILE A 328 -2.96 -23.12 16.32
N THR A 329 -2.68 -22.48 17.45
CA THR A 329 -2.97 -23.04 18.79
C THR A 329 -4.42 -22.73 19.24
N LYS A 330 -5.22 -23.78 19.46
CA LYS A 330 -6.65 -23.67 19.84
C LYS A 330 -6.87 -23.02 21.23
#